data_4XCU
#
_entry.id   4XCU
#
_cell.length_a   39.100
_cell.length_b   58.110
_cell.length_c   58.670
_cell.angle_alpha   90.000
_cell.angle_beta   94.420
_cell.angle_gamma   90.000
#
_symmetry.space_group_name_H-M   'P 1 21 1'
#
loop_
_entity.id
_entity.type
_entity.pdbx_description
1 polymer 'Fibroblast growth factor receptor 4'
2 non-polymer 'SULFATE ION'
3 non-polymer N-(2-{[6-(2,6-dichloro-3,5-dimethoxyphenyl)quinazolin-2-yl]amino}-3-methylphenyl)propanamide
4 water water
#
_entity_poly.entity_id   1
_entity_poly.type   'polypeptide(L)'
_entity_poly.pdbx_seq_one_letter_code
;MVSLDLPLDPLWEFPRDRLVLGKPLGEGCFGQVVRAEAFGMDPARPDQASTVAVKMLKDNASDKDLADLVSEMEVMKLIG
RHKNIINLLGVCTQEGPLYVIVECAAKGNLREFLRARRPPGSSEGPLSFPVLVSCAYQVARGMQYLESRKCIHRDLAARN
VLVTEDNVMKIADFGLARGVHHIDYYKKTSNGRLPVKWMAPEALFDRVYTHQSDVWSFGILLWEIFTLGGSPYPGIPVEE
LFSLLREGHRMDRPPHCPPELYGLMRECWHAAPSQRPTFKQLVEALDKVLLAVSHHHHHH
;
_entity_poly.pdbx_strand_id   A
#
loop_
_chem_comp.id
_chem_comp.type
_chem_comp.name
_chem_comp.formula
40M non-polymer N-(2-{[6-(2,6-dichloro-3,5-dimethoxyphenyl)quinazolin-2-yl]amino}-3-methylphenyl)propanamide 'C26 H24 Cl2 N4 O3'
SO4 non-polymer 'SULFATE ION' 'O4 S -2'
#
# COMPACT_ATOMS: atom_id res chain seq x y z
N ASP A 5 -4.75 -27.49 12.31
CA ASP A 5 -3.32 -27.80 12.03
C ASP A 5 -2.62 -26.62 11.42
N LEU A 6 -1.29 -26.60 11.58
CA LEU A 6 -0.45 -25.56 10.99
C LEU A 6 1.02 -26.02 11.08
N PRO A 7 1.75 -26.03 9.97
CA PRO A 7 3.11 -26.61 10.05
C PRO A 7 4.16 -25.65 10.61
N LEU A 8 5.08 -26.20 11.41
CA LEU A 8 6.24 -25.46 11.88
C LEU A 8 7.15 -25.11 10.69
N ASP A 9 7.27 -23.81 10.41
CA ASP A 9 8.30 -23.29 9.53
C ASP A 9 9.35 -22.67 10.45
N PRO A 10 10.33 -23.49 10.90
CA PRO A 10 11.19 -23.14 12.04
C PRO A 10 11.82 -21.76 11.98
N LEU A 11 12.33 -21.39 10.80
CA LEU A 11 12.98 -20.09 10.62
C LEU A 11 12.08 -18.86 10.61
N TRP A 12 10.80 -19.02 10.32
CA TRP A 12 9.85 -17.92 10.49
C TRP A 12 9.20 -17.91 11.86
N GLU A 13 9.22 -19.05 12.54
CA GLU A 13 8.56 -19.21 13.83
C GLU A 13 9.24 -18.33 14.88
N PHE A 14 8.43 -17.57 15.58
CA PHE A 14 8.83 -16.71 16.69
C PHE A 14 8.01 -17.13 17.91
N PRO A 15 8.66 -17.31 19.07
CA PRO A 15 7.90 -17.78 20.24
C PRO A 15 6.96 -16.67 20.74
N ARG A 16 5.68 -17.00 20.91
CA ARG A 16 4.70 -15.94 21.20
C ARG A 16 4.91 -15.31 22.58
N ASP A 17 5.61 -16.01 23.47
CA ASP A 17 5.89 -15.51 24.82
C ASP A 17 6.90 -14.35 24.83
N ARG A 18 7.59 -14.13 23.71
CA ARG A 18 8.45 -12.96 23.54
C ARG A 18 7.76 -11.72 22.97
N LEU A 19 6.43 -11.74 22.91
CA LEU A 19 5.63 -10.61 22.49
C LEU A 19 5.00 -10.03 23.74
N VAL A 20 4.96 -8.71 23.85
CA VAL A 20 4.13 -8.07 24.87
C VAL A 20 3.04 -7.28 24.14
N LEU A 21 1.82 -7.79 24.18
CA LEU A 21 0.80 -7.27 23.30
C LEU A 21 0.30 -5.98 23.88
N GLY A 22 0.04 -5.01 23.02
CA GLY A 22 -0.41 -3.69 23.44
C GLY A 22 -1.67 -3.28 22.73
N LYS A 23 -1.72 -1.98 22.40
CA LYS A 23 -2.91 -1.30 21.88
C LYS A 23 -3.45 -1.88 20.56
N PRO A 24 -4.75 -2.19 20.51
CA PRO A 24 -5.37 -2.46 19.22
C PRO A 24 -5.10 -1.38 18.18
N LEU A 25 -4.80 -1.79 16.96
CA LEU A 25 -4.57 -0.83 15.87
C LEU A 25 -5.83 -0.62 15.02
N GLY A 26 -6.41 -1.71 14.53
CA GLY A 26 -7.64 -1.61 13.74
C GLY A 26 -8.18 -2.98 13.39
N GLU A 27 -8.90 -3.04 12.26
CA GLU A 27 -9.45 -4.29 11.72
C GLU A 27 -9.49 -4.21 10.20
N GLY A 31 -9.68 -11.11 11.17
CA GLY A 31 -8.50 -10.24 11.16
C GLY A 31 -8.62 -9.03 12.10
N GLN A 32 -7.82 -9.04 13.16
CA GLN A 32 -7.62 -7.86 14.02
C GLN A 32 -6.13 -7.65 14.25
N VAL A 33 -5.73 -6.40 14.52
CA VAL A 33 -4.31 -6.03 14.58
C VAL A 33 -4.01 -5.31 15.86
N VAL A 34 -2.89 -5.69 16.49
CA VAL A 34 -2.43 -5.04 17.71
C VAL A 34 -0.97 -4.68 17.58
N ARG A 35 -0.62 -3.54 18.13
CA ARG A 35 0.76 -3.18 18.39
C ARG A 35 1.34 -4.14 19.44
N ALA A 36 2.64 -4.42 19.33
CA ALA A 36 3.30 -5.25 20.31
C ALA A 36 4.75 -4.84 20.47
N GLU A 37 5.37 -5.24 21.59
CA GLU A 37 6.82 -5.25 21.73
C GLU A 37 7.31 -6.68 21.59
N ALA A 38 8.30 -6.87 20.74
CA ALA A 38 8.89 -8.18 20.51
C ALA A 38 10.33 -8.17 20.98
N PHE A 39 10.72 -9.18 21.75
CA PHE A 39 12.11 -9.34 22.18
C PHE A 39 12.92 -10.28 21.31
N GLY A 40 13.97 -9.75 20.70
CA GLY A 40 14.95 -10.56 19.96
C GLY A 40 14.54 -10.91 18.57
N MET A 41 13.93 -9.96 17.87
CA MET A 41 13.61 -10.14 16.46
C MET A 41 14.88 -10.29 15.63
N ASP A 42 15.80 -9.34 15.78
CA ASP A 42 17.12 -9.46 15.16
C ASP A 42 18.00 -10.29 16.09
N PRO A 43 18.44 -11.49 15.64
CA PRO A 43 19.24 -12.39 16.49
C PRO A 43 20.66 -11.88 16.82
N ALA A 44 21.07 -10.77 16.21
CA ALA A 44 22.33 -10.11 16.55
C ALA A 44 22.28 -9.40 17.92
N ARG A 45 21.09 -8.96 18.34
CA ARG A 45 20.87 -8.49 19.71
C ARG A 45 19.64 -9.17 20.27
N PRO A 46 19.80 -10.42 20.76
CA PRO A 46 18.68 -11.32 21.06
C PRO A 46 17.73 -10.96 22.22
N ASP A 47 18.05 -9.93 23.00
CA ASP A 47 17.16 -9.46 24.08
C ASP A 47 16.57 -8.10 23.75
N GLN A 48 16.86 -7.58 22.57
CA GLN A 48 16.47 -6.22 22.21
C GLN A 48 14.98 -6.13 21.86
N ALA A 49 14.32 -5.10 22.37
CA ALA A 49 12.93 -4.84 22.08
C ALA A 49 12.80 -4.03 20.79
N SER A 50 11.77 -4.35 20.02
CA SER A 50 11.39 -3.55 18.88
C SER A 50 9.88 -3.55 18.85
N THR A 51 9.31 -2.51 18.24
CA THR A 51 7.89 -2.46 18.11
C THR A 51 7.40 -3.04 16.82
N VAL A 52 6.36 -3.87 16.91
CA VAL A 52 5.78 -4.54 15.76
C VAL A 52 4.28 -4.53 15.74
N ALA A 53 3.72 -5.01 14.63
CA ALA A 53 2.29 -5.11 14.49
C ALA A 53 1.94 -6.55 14.39
N VAL A 54 0.93 -6.95 15.12
CA VAL A 54 0.55 -8.35 15.14
C VAL A 54 -0.88 -8.56 14.64
N LYS A 55 -1.02 -9.40 13.61
CA LYS A 55 -2.35 -9.76 13.12
C LYS A 55 -2.77 -11.17 13.55
N MET A 56 -4.04 -11.25 13.91
CA MET A 56 -4.65 -12.47 14.43
C MET A 56 -6.11 -12.54 14.01
N LEU A 57 -6.71 -13.73 14.11
CA LEU A 57 -8.14 -13.86 13.80
C LEU A 57 -9.00 -13.30 14.94
N LYS A 58 -10.20 -12.85 14.61
CA LYS A 58 -11.20 -12.51 15.63
C LYS A 58 -11.88 -13.78 16.15
N ASP A 59 -12.62 -13.64 17.25
CA ASP A 59 -13.35 -14.77 17.88
C ASP A 59 -14.35 -15.47 16.94
N ASN A 60 -15.07 -14.67 16.17
CA ASN A 60 -16.07 -15.19 15.22
C ASN A 60 -15.54 -15.92 13.97
N ALA A 61 -14.22 -16.06 13.84
CA ALA A 61 -13.62 -16.42 12.56
C ALA A 61 -14.05 -17.81 12.07
N SER A 62 -14.17 -17.91 10.75
CA SER A 62 -14.53 -19.15 10.07
C SER A 62 -13.30 -19.77 9.46
N ASP A 63 -13.48 -20.95 8.87
CA ASP A 63 -12.48 -21.61 8.04
C ASP A 63 -11.92 -20.63 7.01
N LYS A 64 -12.83 -19.93 6.33
CA LYS A 64 -12.45 -18.99 5.27
C LYS A 64 -11.51 -17.87 5.78
N ASP A 65 -11.83 -17.31 6.93
CA ASP A 65 -11.00 -16.27 7.52
C ASP A 65 -9.60 -16.76 7.87
N LEU A 66 -9.52 -17.99 8.36
CA LEU A 66 -8.23 -18.56 8.70
C LEU A 66 -7.43 -18.71 7.42
N ALA A 67 -8.03 -19.30 6.37
CA ALA A 67 -7.37 -19.47 5.07
C ALA A 67 -6.88 -18.15 4.52
N ASP A 68 -7.63 -17.05 4.72
CA ASP A 68 -7.21 -15.73 4.27
C ASP A 68 -5.93 -15.24 4.96
N LEU A 69 -5.86 -15.39 6.28
CA LEU A 69 -4.70 -14.93 7.06
C LEU A 69 -3.48 -15.80 6.70
N VAL A 70 -3.72 -17.09 6.63
CA VAL A 70 -2.65 -18.01 6.29
C VAL A 70 -2.08 -17.74 4.89
N SER A 71 -2.98 -17.57 3.92
CA SER A 71 -2.55 -17.37 2.54
C SER A 71 -1.78 -16.07 2.44
N GLU A 72 -2.18 -15.02 3.17
CA GLU A 72 -1.44 -13.79 3.18
C GLU A 72 -0.02 -13.92 3.77
N MET A 73 0.10 -14.72 4.81
CA MET A 73 1.36 -15.01 5.47
C MET A 73 2.25 -15.74 4.46
N GLU A 74 1.69 -16.72 3.77
CA GLU A 74 2.50 -17.54 2.84
C GLU A 74 3.00 -16.72 1.64
N VAL A 75 2.15 -15.84 1.11
CA VAL A 75 2.58 -14.95 0.03
CA VAL A 75 2.57 -14.94 0.05
C VAL A 75 3.65 -13.97 0.52
N MET A 76 3.52 -13.42 1.75
CA MET A 76 4.60 -12.58 2.28
C MET A 76 5.93 -13.34 2.36
N LYS A 77 5.91 -14.60 2.80
CA LYS A 77 7.13 -15.42 2.86
C LYS A 77 7.75 -15.51 1.50
N LEU A 78 6.93 -15.77 0.50
CA LEU A 78 7.42 -16.00 -0.89
C LEU A 78 7.98 -14.74 -1.52
N ILE A 79 7.41 -13.58 -1.20
CA ILE A 79 7.80 -12.35 -1.89
C ILE A 79 9.15 -11.77 -1.41
N GLY A 80 9.53 -11.97 -0.13
CA GLY A 80 10.85 -11.57 0.35
C GLY A 80 10.77 -10.12 0.86
N ARG A 81 11.89 -9.60 1.32
CA ARG A 81 11.90 -8.28 2.01
C ARG A 81 12.39 -7.14 1.15
N HIS A 82 11.92 -5.93 1.44
CA HIS A 82 12.42 -4.80 0.69
C HIS A 82 12.12 -3.62 1.57
N LYS A 83 13.01 -2.64 1.53
CA LYS A 83 12.88 -1.44 2.37
C LYS A 83 11.53 -0.71 2.21
N ASN A 84 10.97 -0.73 1.01
CA ASN A 84 9.72 -0.01 0.72
C ASN A 84 8.41 -0.80 0.77
N ILE A 85 8.40 -1.92 1.50
CA ILE A 85 7.19 -2.69 1.72
C ILE A 85 7.15 -3.05 3.20
N ILE A 86 5.96 -3.37 3.70
CA ILE A 86 5.77 -3.85 5.05
C ILE A 86 6.27 -5.29 5.06
N ASN A 87 7.32 -5.56 5.84
CA ASN A 87 7.93 -6.90 5.80
C ASN A 87 7.40 -7.80 6.90
N LEU A 88 7.34 -9.06 6.57
CA LEU A 88 7.02 -10.06 7.53
C LEU A 88 8.26 -10.29 8.41
N LEU A 89 8.03 -10.34 9.72
CA LEU A 89 9.10 -10.61 10.67
C LEU A 89 9.08 -11.97 11.36
N GLY A 90 7.92 -12.59 11.46
CA GLY A 90 7.68 -13.75 12.28
C GLY A 90 6.23 -14.23 12.25
N VAL A 91 6.04 -15.45 12.72
CA VAL A 91 4.72 -16.04 12.83
C VAL A 91 4.71 -16.87 14.11
N CYS A 92 3.54 -16.97 14.74
CA CYS A 92 3.36 -17.84 15.89
C CYS A 92 2.26 -18.82 15.51
N THR A 93 2.61 -20.08 15.29
CA THR A 93 1.65 -21.07 14.83
C THR A 93 1.50 -22.28 15.76
N GLN A 94 2.39 -22.41 16.73
CA GLN A 94 2.40 -23.56 17.62
C GLN A 94 1.75 -23.16 18.95
N GLU A 95 1.09 -24.13 19.59
CA GLU A 95 0.54 -23.96 20.93
C GLU A 95 -0.22 -22.64 21.11
N GLY A 96 -1.10 -22.34 20.16
CA GLY A 96 -2.00 -21.22 20.28
C GLY A 96 -2.55 -20.74 18.96
N PRO A 97 -3.41 -19.73 19.00
CA PRO A 97 -3.94 -19.07 17.82
C PRO A 97 -2.84 -18.46 16.96
N LEU A 98 -3.12 -18.36 15.65
CA LEU A 98 -2.13 -17.89 14.68
C LEU A 98 -1.90 -16.41 14.89
N TYR A 99 -0.64 -16.03 15.05
CA TYR A 99 -0.22 -14.63 14.99
C TYR A 99 0.69 -14.46 13.78
N VAL A 100 0.51 -13.39 13.02
CA VAL A 100 1.43 -13.00 11.95
C VAL A 100 2.04 -11.64 12.34
N ILE A 101 3.36 -11.56 12.45
CA ILE A 101 4.04 -10.37 13.02
C ILE A 101 4.72 -9.55 11.90
N VAL A 102 4.42 -8.26 11.78
CA VAL A 102 5.03 -7.47 10.71
C VAL A 102 5.61 -6.18 11.20
N GLU A 103 6.35 -5.49 10.34
CA GLU A 103 6.94 -4.21 10.70
C GLU A 103 5.82 -3.23 11.06
N CYS A 104 6.11 -2.34 12.01
CA CYS A 104 5.13 -1.35 12.46
C CYS A 104 5.61 0.05 12.09
N ALA A 105 4.75 0.82 11.43
CA ALA A 105 5.14 2.11 10.86
C ALA A 105 4.47 3.18 11.70
N ALA A 106 5.28 3.99 12.35
CA ALA A 106 4.82 4.79 13.46
C ALA A 106 3.96 6.01 13.07
N LYS A 107 4.16 6.53 11.86
CA LYS A 107 3.40 7.71 11.44
C LYS A 107 2.08 7.40 10.76
N GLY A 108 1.74 6.11 10.62
CA GLY A 108 0.43 5.72 10.08
C GLY A 108 0.36 5.71 8.56
N ASN A 109 -0.84 5.78 8.02
CA ASN A 109 -1.01 5.69 6.57
C ASN A 109 -0.73 7.00 5.87
N LEU A 110 -0.32 6.89 4.61
CA LEU A 110 0.11 8.06 3.84
C LEU A 110 -1.01 9.07 3.58
N ARG A 111 -2.24 8.58 3.42
CA ARG A 111 -3.43 9.46 3.25
C ARG A 111 -3.54 10.39 4.47
N GLU A 112 -3.61 9.84 5.68
CA GLU A 112 -3.71 10.70 6.90
C GLU A 112 -2.46 11.54 7.11
N PHE A 113 -1.31 10.98 6.80
CA PHE A 113 -0.03 11.73 6.84
C PHE A 113 -0.10 12.98 5.96
N LEU A 114 -0.58 12.84 4.72
CA LEU A 114 -0.67 13.97 3.79
C LEU A 114 -1.69 14.96 4.29
N ARG A 115 -2.86 14.45 4.68
CA ARG A 115 -3.96 15.35 5.06
C ARG A 115 -3.62 16.13 6.28
N ALA A 116 -2.82 15.57 7.19
CA ALA A 116 -2.44 16.24 8.45
C ALA A 116 -1.49 17.44 8.25
N ARG A 117 -0.93 17.54 7.04
CA ARG A 117 0.14 18.45 6.73
C ARG A 117 -0.20 19.38 5.60
N ARG A 118 -1.49 19.52 5.31
CA ARG A 118 -1.98 20.54 4.39
C ARG A 118 -1.87 21.92 5.05
N PRO A 119 -1.25 22.90 4.36
CA PRO A 119 -1.10 24.22 4.92
C PRO A 119 -2.44 24.99 4.88
N PRO A 120 -2.58 26.02 5.72
CA PRO A 120 -3.81 26.82 5.64
C PRO A 120 -3.70 27.93 4.58
N GLY A 121 -4.84 28.30 4.01
CA GLY A 121 -4.92 29.39 3.03
C GLY A 121 -3.90 29.30 1.89
N SER A 122 -2.96 29.86 1.12
CA SER A 122 -1.80 30.02 0.23
C SER A 122 -0.48 29.88 0.98
N SER A 123 -0.50 30.07 2.30
CA SER A 123 0.68 29.83 3.13
C SER A 123 1.28 28.50 2.73
N GLU A 124 2.60 28.46 2.57
CA GLU A 124 3.27 27.24 2.13
C GLU A 124 3.23 26.24 3.28
N GLY A 125 3.32 24.96 2.94
CA GLY A 125 3.37 23.90 3.95
C GLY A 125 4.70 23.17 3.98
N PRO A 126 4.85 22.23 4.92
CA PRO A 126 6.08 21.45 4.97
C PRO A 126 6.36 20.59 3.73
N LEU A 127 5.31 20.10 3.07
CA LEU A 127 5.48 19.11 1.97
C LEU A 127 5.62 19.76 0.60
N SER A 128 6.81 20.23 0.31
CA SER A 128 7.08 20.96 -0.92
C SER A 128 7.25 19.94 -2.04
N PHE A 129 7.41 20.43 -3.27
CA PHE A 129 7.48 19.55 -4.41
C PHE A 129 8.52 18.46 -4.23
N PRO A 130 9.79 18.80 -3.86
CA PRO A 130 10.76 17.69 -3.78
C PRO A 130 10.41 16.57 -2.77
N VAL A 131 9.77 16.94 -1.67
CA VAL A 131 9.34 16.01 -0.65
C VAL A 131 8.25 15.10 -1.22
N LEU A 132 7.28 15.68 -1.92
CA LEU A 132 6.17 14.92 -2.50
C LEU A 132 6.74 13.99 -3.59
N VAL A 133 7.63 14.53 -4.42
CA VAL A 133 8.34 13.64 -5.45
C VAL A 133 9.12 12.48 -4.82
N SER A 134 9.83 12.75 -3.74
CA SER A 134 10.61 11.70 -3.03
C SER A 134 9.70 10.58 -2.51
N CYS A 135 8.57 10.97 -1.96
CA CYS A 135 7.52 10.06 -1.52
C CYS A 135 7.03 9.18 -2.65
N ALA A 136 6.77 9.80 -3.80
CA ALA A 136 6.30 9.11 -4.95
C ALA A 136 7.36 8.14 -5.40
N TYR A 137 8.61 8.55 -5.36
CA TYR A 137 9.76 7.68 -5.76
C TYR A 137 9.85 6.41 -4.90
N GLN A 138 9.74 6.60 -3.58
CA GLN A 138 9.76 5.49 -2.62
C GLN A 138 8.68 4.47 -2.90
N VAL A 139 7.48 4.96 -3.18
CA VAL A 139 6.36 4.09 -3.51
C VAL A 139 6.68 3.31 -4.80
N ALA A 140 7.20 4.00 -5.81
CA ALA A 140 7.58 3.33 -7.09
C ALA A 140 8.62 2.30 -6.85
N ARG A 141 9.61 2.55 -5.98
CA ARG A 141 10.66 1.54 -5.69
C ARG A 141 10.03 0.29 -5.08
N GLY A 142 9.08 0.49 -4.17
CA GLY A 142 8.38 -0.65 -3.54
C GLY A 142 7.63 -1.44 -4.58
N MET A 143 6.92 -0.71 -5.46
CA MET A 143 6.17 -1.37 -6.50
C MET A 143 7.09 -2.03 -7.50
N GLN A 144 8.21 -1.39 -7.85
CA GLN A 144 9.23 -2.06 -8.73
C GLN A 144 9.63 -3.39 -8.15
N TYR A 145 9.88 -3.39 -6.86
CA TYR A 145 10.20 -4.63 -6.17
C TYR A 145 9.09 -5.67 -6.28
N LEU A 146 7.87 -5.29 -5.90
CA LEU A 146 6.72 -6.21 -6.09
C LEU A 146 6.54 -6.75 -7.52
N GLU A 147 6.69 -5.87 -8.51
CA GLU A 147 6.61 -6.19 -9.96
C GLU A 147 7.61 -7.28 -10.30
N SER A 148 8.83 -7.17 -9.78
CA SER A 148 9.93 -8.13 -10.08
C SER A 148 9.71 -9.49 -9.42
N ARG A 149 8.83 -9.49 -8.41
CA ARG A 149 8.41 -10.66 -7.65
C ARG A 149 7.03 -11.13 -8.13
N LYS A 150 6.61 -10.67 -9.30
CA LYS A 150 5.36 -11.13 -9.93
C LYS A 150 4.14 -10.99 -9.02
N CYS A 151 4.15 -9.91 -8.27
CA CYS A 151 3.03 -9.61 -7.39
C CYS A 151 2.25 -8.43 -8.04
N ILE A 152 0.94 -8.63 -8.22
CA ILE A 152 -0.01 -7.59 -8.62
C ILE A 152 -0.81 -7.18 -7.38
N HIS A 153 -0.64 -5.94 -6.95
CA HIS A 153 -1.28 -5.45 -5.73
C HIS A 153 -2.83 -5.58 -5.78
N ARG A 154 -3.47 -4.94 -6.74
CA ARG A 154 -4.97 -4.86 -6.87
C ARG A 154 -5.69 -3.84 -5.96
N ASP A 155 -4.95 -3.15 -5.12
CA ASP A 155 -5.54 -2.09 -4.28
C ASP A 155 -4.46 -1.09 -3.85
N LEU A 156 -3.69 -0.59 -4.82
CA LEU A 156 -2.68 0.42 -4.54
C LEU A 156 -3.38 1.77 -4.40
N ALA A 157 -3.11 2.41 -3.27
CA ALA A 157 -3.80 3.68 -2.95
C ALA A 157 -3.06 4.29 -1.73
N ALA A 158 -3.15 5.60 -1.52
CA ALA A 158 -2.44 6.16 -0.39
C ALA A 158 -2.79 5.50 0.96
N ARG A 159 -4.01 4.97 1.10
CA ARG A 159 -4.43 4.34 2.34
CA ARG A 159 -4.43 4.33 2.33
C ARG A 159 -3.63 3.07 2.60
N ASN A 160 -3.09 2.47 1.52
CA ASN A 160 -2.22 1.28 1.59
C ASN A 160 -0.70 1.52 1.48
N VAL A 161 -0.29 2.71 1.88
CA VAL A 161 1.08 3.07 2.03
C VAL A 161 1.22 3.59 3.45
N LEU A 162 2.17 3.02 4.20
CA LEU A 162 2.42 3.41 5.55
C LEU A 162 3.77 4.15 5.67
N VAL A 163 3.85 5.04 6.65
CA VAL A 163 4.97 5.91 6.82
C VAL A 163 5.66 5.56 8.15
N THR A 164 6.95 5.21 8.10
CA THR A 164 7.70 4.95 9.36
C THR A 164 8.16 6.26 10.06
N GLU A 165 8.67 6.14 11.27
CA GLU A 165 9.24 7.30 12.00
C GLU A 165 10.36 8.02 11.24
N ASP A 166 11.12 7.31 10.42
CA ASP A 166 12.13 7.98 9.58
C ASP A 166 11.61 8.36 8.18
N ASN A 167 10.30 8.40 7.99
CA ASN A 167 9.67 8.81 6.75
C ASN A 167 10.06 7.89 5.59
N VAL A 168 10.11 6.63 5.91
CA VAL A 168 10.23 5.60 4.85
C VAL A 168 8.79 5.21 4.48
N MET A 169 8.46 5.21 3.19
CA MET A 169 7.15 4.86 2.68
C MET A 169 7.11 3.38 2.49
N LYS A 170 6.13 2.69 3.06
CA LYS A 170 6.05 1.20 2.93
C LYS A 170 4.71 0.72 2.39
N ILE A 171 4.75 -0.12 1.34
CA ILE A 171 3.52 -0.63 0.71
CA ILE A 171 3.51 -0.62 0.75
C ILE A 171 2.90 -1.69 1.64
N ALA A 172 1.62 -1.56 1.91
CA ALA A 172 0.86 -2.45 2.76
C ALA A 172 -0.12 -3.28 1.94
N ASP A 173 -0.64 -4.33 2.56
CA ASP A 173 -1.72 -5.15 1.97
C ASP A 173 -1.50 -5.69 0.55
N PHE A 174 -0.27 -6.11 0.27
CA PHE A 174 0.13 -6.55 -1.05
C PHE A 174 -0.02 -8.04 -1.18
N GLY A 175 -0.37 -8.74 -0.09
CA GLY A 175 -0.58 -10.21 -0.15
C GLY A 175 -1.99 -10.71 -0.48
N LEU A 176 -2.96 -9.82 -0.69
CA LEU A 176 -4.38 -10.23 -0.70
C LEU A 176 -4.88 -10.80 -2.03
N ALA A 177 -4.26 -10.41 -3.13
CA ALA A 177 -4.66 -10.84 -4.48
C ALA A 177 -4.22 -12.27 -4.81
N ARG A 178 -2.92 -12.53 -4.66
CA ARG A 178 -2.40 -13.90 -4.78
C ARG A 178 -2.90 -14.74 -3.59
N GLY A 179 -3.35 -14.06 -2.53
CA GLY A 179 -4.03 -14.72 -1.41
C GLY A 179 -5.43 -15.19 -1.79
N VAL A 180 -6.11 -15.80 -0.82
CA VAL A 180 -7.45 -16.36 -1.00
C VAL A 180 -8.54 -15.29 -0.74
N HIS A 181 -8.16 -14.14 -0.17
CA HIS A 181 -9.13 -13.07 0.11
C HIS A 181 -9.67 -12.41 -1.17
N HIS A 182 -11.00 -12.24 -1.21
CA HIS A 182 -11.70 -11.56 -2.30
C HIS A 182 -11.81 -10.07 -1.93
N ILE A 183 -11.20 -9.20 -2.74
CA ILE A 183 -11.32 -7.76 -2.45
C ILE A 183 -12.73 -7.29 -2.82
N ASP A 184 -13.37 -6.55 -1.93
CA ASP A 184 -14.68 -5.94 -2.21
C ASP A 184 -14.47 -4.46 -2.54
N TYR A 185 -14.46 -4.13 -3.83
CA TYR A 185 -14.18 -2.75 -4.26
C TYR A 185 -15.26 -1.76 -3.94
N TYR A 186 -16.39 -2.27 -3.48
CA TYR A 186 -17.48 -1.42 -2.98
C TYR A 186 -17.59 -1.38 -1.44
N LYS A 187 -16.56 -1.83 -0.74
CA LYS A 187 -16.49 -1.74 0.72
C LYS A 187 -15.83 -0.44 1.10
N LYS A 188 -16.55 0.39 1.87
CA LYS A 188 -16.10 1.72 2.27
C LYS A 188 -14.73 1.74 2.98
N THR A 189 -13.85 2.62 2.51
CA THR A 189 -12.64 2.94 3.25
C THR A 189 -13.06 3.63 4.57
N SER A 190 -12.11 3.82 5.50
CA SER A 190 -12.42 4.50 6.76
C SER A 190 -12.94 5.91 6.50
N ASN A 191 -12.70 6.35 5.26
CA ASN A 191 -13.06 7.67 4.79
C ASN A 191 -14.45 7.72 4.10
N GLY A 192 -15.07 6.57 3.88
CA GLY A 192 -16.33 6.50 3.12
C GLY A 192 -16.13 6.52 1.60
N ARG A 193 -14.88 6.56 1.13
CA ARG A 193 -14.58 6.46 -0.31
C ARG A 193 -14.70 4.99 -0.76
N LEU A 194 -14.74 4.77 -2.07
CA LEU A 194 -14.82 3.41 -2.62
C LEU A 194 -13.56 3.01 -3.41
N PRO A 195 -12.94 1.88 -3.03
CA PRO A 195 -11.75 1.40 -3.72
C PRO A 195 -11.90 1.32 -5.23
N VAL A 196 -13.11 1.15 -5.74
CA VAL A 196 -13.27 0.97 -7.18
C VAL A 196 -12.80 2.22 -7.95
N LYS A 197 -12.74 3.40 -7.29
CA LYS A 197 -12.16 4.58 -7.92
C LYS A 197 -10.65 4.56 -8.25
N TRP A 198 -9.93 3.48 -7.85
CA TRP A 198 -8.52 3.33 -8.13
C TRP A 198 -8.37 2.21 -9.20
N MET A 199 -9.47 1.56 -9.56
CA MET A 199 -9.35 0.33 -10.47
C MET A 199 -9.20 0.76 -11.94
N ALA A 200 -8.37 0.03 -12.69
CA ALA A 200 -8.16 0.32 -14.09
C ALA A 200 -9.38 -0.11 -14.95
N PRO A 201 -9.62 0.59 -16.07
CA PRO A 201 -10.73 0.29 -17.01
C PRO A 201 -10.72 -1.17 -17.53
N GLU A 202 -9.56 -1.76 -17.74
CA GLU A 202 -9.61 -3.16 -18.15
C GLU A 202 -10.23 -4.03 -17.05
N ALA A 203 -9.99 -3.73 -15.79
CA ALA A 203 -10.61 -4.51 -14.71
C ALA A 203 -12.10 -4.13 -14.54
N LEU A 204 -12.39 -2.84 -14.67
CA LEU A 204 -13.73 -2.33 -14.50
C LEU A 204 -14.69 -2.80 -15.60
N PHE A 205 -14.23 -2.76 -16.86
CA PHE A 205 -15.11 -3.06 -17.98
C PHE A 205 -14.88 -4.49 -18.48
N ASP A 206 -13.63 -4.87 -18.70
CA ASP A 206 -13.30 -6.15 -19.34
C ASP A 206 -13.10 -7.24 -18.32
N ARG A 207 -13.11 -6.88 -17.04
CA ARG A 207 -13.03 -7.85 -15.94
C ARG A 207 -11.69 -8.61 -15.91
N VAL A 208 -10.61 -7.99 -16.42
CA VAL A 208 -9.28 -8.61 -16.46
C VAL A 208 -8.27 -7.73 -15.71
N TYR A 209 -7.34 -8.36 -14.99
CA TYR A 209 -6.25 -7.68 -14.27
C TYR A 209 -4.90 -8.02 -14.86
N THR A 210 -4.08 -7.01 -15.16
CA THR A 210 -2.70 -7.24 -15.60
C THR A 210 -1.73 -6.55 -14.68
N HIS A 211 -0.44 -6.75 -14.93
CA HIS A 211 0.61 -6.03 -14.19
CA HIS A 211 0.62 -6.06 -14.19
C HIS A 211 0.50 -4.54 -14.41
N GLN A 212 -0.03 -4.16 -15.56
CA GLN A 212 -0.21 -2.78 -15.89
C GLN A 212 -1.44 -2.18 -15.21
N SER A 213 -2.28 -3.01 -14.60
CA SER A 213 -3.46 -2.47 -13.90
C SER A 213 -3.05 -1.67 -12.66
N ASP A 214 -1.99 -2.13 -11.95
CA ASP A 214 -1.43 -1.43 -10.78
C ASP A 214 -0.78 -0.10 -11.14
N VAL A 215 -0.21 -0.02 -12.34
CA VAL A 215 0.30 1.26 -12.86
C VAL A 215 -0.78 2.34 -12.96
N TRP A 216 -1.96 1.97 -13.47
CA TRP A 216 -3.12 2.87 -13.44
C TRP A 216 -3.34 3.38 -12.02
N SER A 217 -3.43 2.43 -11.07
CA SER A 217 -3.68 2.77 -9.65
C SER A 217 -2.60 3.68 -9.09
N PHE A 218 -1.35 3.40 -9.45
CA PHE A 218 -0.24 4.30 -9.11
C PHE A 218 -0.45 5.75 -9.62
N GLY A 219 -0.99 5.90 -10.84
CA GLY A 219 -1.33 7.23 -11.39
C GLY A 219 -2.28 7.93 -10.45
N ILE A 220 -3.31 7.20 -10.03
CA ILE A 220 -4.28 7.78 -9.05
C ILE A 220 -3.59 8.15 -7.75
N LEU A 221 -2.78 7.26 -7.22
CA LEU A 221 -1.99 7.58 -6.00
C LEU A 221 -1.13 8.85 -6.17
N LEU A 222 -0.51 9.00 -7.35
CA LEU A 222 0.23 10.26 -7.62
C LEU A 222 -0.67 11.48 -7.42
N TRP A 223 -1.86 11.39 -7.99
CA TRP A 223 -2.84 12.48 -7.84
C TRP A 223 -3.19 12.72 -6.36
N GLU A 224 -3.42 11.65 -5.60
CA GLU A 224 -3.61 11.78 -4.12
C GLU A 224 -2.46 12.48 -3.39
N ILE A 225 -1.25 12.16 -3.76
CA ILE A 225 -0.07 12.79 -3.20
C ILE A 225 -0.09 14.30 -3.46
N PHE A 226 -0.27 14.69 -4.72
CA PHE A 226 -0.11 16.09 -5.05
C PHE A 226 -1.32 16.91 -4.65
N THR A 227 -2.43 16.23 -4.34
CA THR A 227 -3.55 16.95 -3.72
C THR A 227 -3.53 16.84 -2.19
N LEU A 228 -2.43 16.34 -1.61
CA LEU A 228 -2.29 16.18 -0.15
C LEU A 228 -3.44 15.38 0.44
N GLY A 229 -3.71 14.22 -0.16
CA GLY A 229 -4.72 13.34 0.35
C GLY A 229 -6.15 13.67 -0.04
N GLY A 230 -6.32 14.16 -1.27
CA GLY A 230 -7.63 14.42 -1.85
C GLY A 230 -8.33 13.15 -2.32
N SER A 231 -9.64 13.24 -2.49
CA SER A 231 -10.48 12.15 -2.99
C SER A 231 -10.50 12.09 -4.51
N PRO A 232 -10.12 10.95 -5.11
CA PRO A 232 -10.18 10.87 -6.54
C PRO A 232 -11.54 11.07 -7.14
N TYR A 233 -11.55 11.65 -8.33
CA TYR A 233 -12.77 12.07 -9.02
C TYR A 233 -13.73 12.79 -8.07
N PRO A 234 -13.31 13.91 -7.47
CA PRO A 234 -14.14 14.47 -6.41
C PRO A 234 -15.49 14.97 -6.91
N GLY A 235 -16.53 14.71 -6.12
CA GLY A 235 -17.89 15.05 -6.48
C GLY A 235 -18.66 14.01 -7.28
N ILE A 236 -17.95 13.09 -7.92
CA ILE A 236 -18.56 12.20 -8.92
C ILE A 236 -18.95 10.86 -8.28
N PRO A 237 -20.27 10.54 -8.25
CA PRO A 237 -20.75 9.21 -7.82
C PRO A 237 -20.18 8.16 -8.76
N VAL A 238 -19.89 6.95 -8.28
CA VAL A 238 -19.23 5.93 -9.13
C VAL A 238 -19.95 5.58 -10.42
N GLU A 239 -21.29 5.61 -10.41
CA GLU A 239 -22.06 5.22 -11.61
C GLU A 239 -21.76 6.15 -12.78
N GLU A 240 -21.78 7.45 -12.50
CA GLU A 240 -21.48 8.37 -13.59
C GLU A 240 -19.99 8.46 -13.83
N LEU A 241 -19.19 8.16 -12.80
CA LEU A 241 -17.76 8.12 -12.97
C LEU A 241 -17.51 7.08 -14.06
N PHE A 242 -18.17 5.95 -13.94
CA PHE A 242 -17.90 4.83 -14.90
C PHE A 242 -18.28 5.17 -16.36
N SER A 243 -19.39 5.87 -16.55
CA SER A 243 -19.77 6.32 -17.88
C SER A 243 -18.81 7.38 -18.41
N LEU A 244 -18.34 8.29 -17.56
CA LEU A 244 -17.28 9.22 -17.96
C LEU A 244 -16.01 8.52 -18.44
N LEU A 245 -15.62 7.47 -17.72
CA LEU A 245 -14.43 6.70 -18.06
C LEU A 245 -14.60 5.98 -19.40
N ARG A 246 -15.84 5.64 -19.79
CA ARG A 246 -16.14 5.21 -21.18
C ARG A 246 -15.74 6.21 -22.25
N GLU A 247 -15.94 7.49 -22.00
CA GLU A 247 -15.70 8.55 -23.00
C GLU A 247 -14.30 9.17 -22.89
N GLY A 248 -13.49 8.64 -21.98
CA GLY A 248 -12.08 9.00 -21.90
C GLY A 248 -11.82 10.07 -20.88
N HIS A 249 -12.72 10.24 -19.91
CA HIS A 249 -12.55 11.29 -18.92
C HIS A 249 -11.31 10.99 -18.07
N ARG A 250 -10.51 12.02 -17.76
CA ARG A 250 -9.36 11.90 -16.84
C ARG A 250 -9.40 13.09 -15.91
N MET A 251 -8.89 12.89 -14.71
CA MET A 251 -8.75 13.97 -13.74
C MET A 251 -7.85 15.09 -14.27
N ASP A 252 -8.19 16.34 -13.93
CA ASP A 252 -7.37 17.48 -14.28
C ASP A 252 -6.10 17.52 -13.43
N ARG A 253 -5.14 18.33 -13.89
CA ARG A 253 -3.87 18.57 -13.20
C ARG A 253 -4.25 19.26 -11.89
N PRO A 254 -3.78 18.74 -10.74
CA PRO A 254 -4.21 19.47 -9.54
C PRO A 254 -3.52 20.81 -9.39
N PRO A 255 -4.04 21.67 -8.54
CA PRO A 255 -3.60 23.07 -8.46
C PRO A 255 -2.11 23.26 -8.19
N HIS A 256 -1.53 22.39 -7.35
CA HIS A 256 -0.12 22.47 -7.01
C HIS A 256 0.61 21.17 -7.40
N CYS A 257 1.06 21.17 -8.64
CA CYS A 257 1.65 19.96 -9.20
C CYS A 257 2.63 20.33 -10.31
N PRO A 258 3.87 19.77 -10.30
CA PRO A 258 4.83 19.96 -11.38
C PRO A 258 4.45 19.17 -12.63
N PRO A 259 4.84 19.70 -13.81
CA PRO A 259 4.10 19.25 -14.95
C PRO A 259 4.63 17.84 -15.25
N GLU A 260 5.82 17.59 -14.78
CA GLU A 260 6.44 16.28 -15.03
C GLU A 260 5.54 15.21 -14.41
N LEU A 261 5.02 15.51 -13.23
CA LEU A 261 4.21 14.53 -12.47
C LEU A 261 2.82 14.33 -13.11
N TYR A 262 2.22 15.41 -13.61
CA TYR A 262 0.97 15.26 -14.35
C TYR A 262 1.16 14.47 -15.62
N GLY A 263 2.25 14.76 -16.32
CA GLY A 263 2.68 13.96 -17.46
C GLY A 263 2.76 12.48 -17.16
N LEU A 264 3.46 12.11 -16.10
CA LEU A 264 3.49 10.68 -15.68
C LEU A 264 2.10 10.16 -15.31
N MET A 265 1.27 10.93 -14.63
CA MET A 265 -0.12 10.53 -14.37
C MET A 265 -0.89 10.22 -15.65
N ARG A 266 -0.69 11.01 -16.71
CA ARG A 266 -1.45 10.87 -17.89
C ARG A 266 -0.99 9.61 -18.60
N GLU A 267 0.27 9.35 -18.40
CA GLU A 267 0.87 8.12 -19.01
C GLU A 267 0.36 6.88 -18.29
N CYS A 268 0.19 7.00 -16.97
CA CYS A 268 -0.30 5.91 -16.15
C CYS A 268 -1.74 5.62 -16.51
N TRP A 269 -2.43 6.64 -17.01
CA TRP A 269 -3.82 6.49 -17.35
C TRP A 269 -4.09 6.33 -18.83
N HIS A 270 -3.15 5.75 -19.58
CA HIS A 270 -3.50 5.30 -20.93
C HIS A 270 -4.62 4.24 -20.86
N ALA A 271 -5.58 4.36 -21.77
CA ALA A 271 -6.74 3.44 -21.80
C ALA A 271 -6.26 2.02 -21.97
N ALA A 272 -5.31 1.87 -22.87
CA ALA A 272 -4.71 0.57 -23.18
C ALA A 272 -3.57 0.23 -22.21
N PRO A 273 -3.76 -0.82 -21.41
CA PRO A 273 -2.76 -1.26 -20.46
C PRO A 273 -1.41 -1.44 -21.10
N SER A 274 -1.39 -1.92 -22.33
CA SER A 274 -0.11 -2.20 -22.99
C SER A 274 0.69 -0.93 -23.29
N GLN A 275 0.04 0.25 -23.19
CA GLN A 275 0.71 1.55 -23.44
C GLN A 275 1.25 2.27 -22.18
N ARG A 276 1.01 1.71 -21.00
CA ARG A 276 1.42 2.37 -19.74
C ARG A 276 2.87 2.01 -19.44
N PRO A 277 3.58 2.86 -18.73
CA PRO A 277 4.97 2.50 -18.37
C PRO A 277 5.02 1.39 -17.32
N THR A 278 6.19 0.77 -17.15
CA THR A 278 6.39 -0.14 -16.06
C THR A 278 6.89 0.61 -14.83
N PHE A 279 6.79 -0.02 -13.65
CA PHE A 279 7.33 0.60 -12.45
C PHE A 279 8.81 0.79 -12.60
N LYS A 280 9.53 -0.11 -13.29
CA LYS A 280 10.95 0.21 -13.52
C LYS A 280 11.18 1.57 -14.23
N GLN A 281 10.39 1.85 -15.26
CA GLN A 281 10.49 3.07 -16.03
C GLN A 281 10.07 4.22 -15.11
N LEU A 282 9.04 3.96 -14.32
CA LEU A 282 8.53 5.02 -13.40
C LEU A 282 9.56 5.42 -12.32
N VAL A 283 10.25 4.43 -11.76
CA VAL A 283 11.32 4.68 -10.81
C VAL A 283 12.35 5.63 -11.46
N GLU A 284 12.83 5.27 -12.64
CA GLU A 284 13.86 6.09 -13.31
C GLU A 284 13.39 7.53 -13.66
N ALA A 285 12.14 7.65 -14.08
CA ALA A 285 11.55 8.92 -14.39
C ALA A 285 11.44 9.80 -13.17
N LEU A 286 11.02 9.24 -12.04
CA LEU A 286 10.86 10.05 -10.82
C LEU A 286 12.26 10.41 -10.27
N ASP A 287 13.23 9.51 -10.40
CA ASP A 287 14.61 9.81 -10.03
C ASP A 287 15.09 11.08 -10.79
N LYS A 288 14.77 11.18 -12.07
CA LYS A 288 15.20 12.31 -12.88
C LYS A 288 14.43 13.58 -12.54
N VAL A 289 13.15 13.46 -12.21
CA VAL A 289 12.39 14.67 -11.77
C VAL A 289 12.97 15.24 -10.46
N LEU A 290 13.31 14.36 -9.53
CA LEU A 290 13.80 14.77 -8.20
C LEU A 290 15.08 15.60 -8.36
N LEU A 291 15.93 15.12 -9.25
CA LEU A 291 17.19 15.77 -9.57
C LEU A 291 16.99 17.08 -10.29
N ALA A 292 16.05 17.09 -11.24
CA ALA A 292 15.66 18.31 -11.92
C ALA A 292 15.25 19.35 -10.90
N VAL A 293 14.37 18.95 -9.99
CA VAL A 293 13.72 19.91 -9.11
C VAL A 293 14.64 20.35 -7.97
N SER A 294 15.41 19.41 -7.42
CA SER A 294 16.20 19.67 -6.22
C SER A 294 17.64 20.16 -6.49
N HIS A 295 17.90 20.58 -7.73
CA HIS A 295 19.23 21.09 -8.12
C HIS A 295 19.14 22.18 -9.21
S SO4 B . -10.75 17.57 0.84
O1 SO4 B . -11.17 17.71 2.25
O2 SO4 B . -9.72 18.59 0.54
O3 SO4 B . -11.91 17.78 -0.04
O4 SO4 B . -10.24 16.21 0.58
O 40M C . 1.00 2.76 16.53
C6 40M C . 1.76 2.33 15.65
C7 40M C . 3.15 1.83 16.03
C8 40M C . 3.95 1.14 14.92
N 40M C . 1.40 2.30 14.32
C4 40M C . 0.17 2.76 13.74
C5 40M C . -0.80 3.55 14.35
C3 40M C . -1.94 3.93 13.64
C1 40M C . -2.12 3.54 12.31
C 40M C . -1.14 2.76 11.68
C25 40M C . -1.43 2.40 10.24
C2 40M C . -0.02 2.35 12.42
N1 40M C . 1.06 1.61 11.92
C12 40M C . 0.89 0.38 11.32
N3 40M C . 2.06 -0.07 10.86
C11 40M C . 2.09 -1.24 10.21
C9 40M C . 0.90 -1.94 10.07
C13 40M C . 0.92 -3.15 9.39
N2 40M C . -0.26 -0.30 11.23
C10 40M C . -0.28 -1.48 10.58
C15 40M C . -1.46 -2.21 10.42
C16 40M C . -1.45 -3.43 9.72
C14 40M C . -0.25 -3.86 9.22
C22 40M C . -0.17 -5.12 8.41
C21 40M C . 0.05 -5.02 7.06
CL1 40M C . 0.31 -3.53 6.16
C20 40M C . -0.40 -6.35 8.89
CL 40M C . -0.67 -6.58 10.57
C18 40M C . -0.30 -7.51 8.11
O1 40M C . -0.53 -8.72 8.70
C23 40M C . -0.32 -9.95 7.92
C17 40M C . -0.08 -7.37 6.76
C19 40M C . 0.14 -6.12 6.24
O2 40M C . 0.39 -5.92 4.92
C24 40M C . 1.29 -6.76 4.20
#